data_3FLB
#
_entry.id   3FLB
#
_cell.length_a   38.938
_cell.length_b   62.497
_cell.length_c   82.467
_cell.angle_alpha   90.00
_cell.angle_beta   90.00
_cell.angle_gamma   90.00
#
_symmetry.space_group_name_H-M   'P 21 21 21'
#
loop_
_entity.id
_entity.type
_entity.pdbx_description
1 polymer RifR
2 non-polymer 'CHLORIDE ION'
3 non-polymer 'TETRAETHYLENE GLYCOL'
4 water water
#
_entity_poly.entity_id   1
_entity_poly.type   'polypeptide(L)'
_entity_poly.pdbx_seq_one_letter_code
;MHRPEAEKWLRRFERAPDARARLVCLPHAGGSASFFFPLAKALAPAVEVLAVQYPGRQDRRHEPPVDSIGGLTNRLLEVL
RPFGDRPLALFGHAMGAIIGYELALRMPEAGLPAPVHLFASGRRAPSRYRDDDVRGASDERLVAELRKLGGSDAAMLADP
ELLAMVLPAIRSDYRAVETYRHEPGRRVDCPVTVFTGDHDPRVSVGEARAWEEHTTGPADLRVLPGGHFFLVDQAAPMIA
TMTEKLAGPALTGSTGGNSLEHHHHHH
;
_entity_poly.pdbx_strand_id   A
#
# COMPACT_ATOMS: atom_id res chain seq x y z
N GLU A 5 13.57 -9.41 -12.74
CA GLU A 5 13.44 -8.83 -11.37
C GLU A 5 12.05 -8.29 -11.11
N ALA A 6 11.41 -7.79 -12.17
CA ALA A 6 10.10 -7.15 -12.08
C ALA A 6 9.06 -8.03 -11.42
N GLU A 7 9.04 -9.32 -11.76
CA GLU A 7 8.05 -10.22 -11.19
C GLU A 7 8.47 -10.80 -9.82
N LYS A 8 9.69 -10.51 -9.37
CA LYS A 8 10.03 -10.79 -7.96
C LYS A 8 9.38 -9.74 -7.04
N TRP A 9 9.20 -8.53 -7.57
CA TRP A 9 8.57 -7.44 -6.83
C TRP A 9 7.06 -7.44 -7.02
N LEU A 10 6.62 -7.86 -8.20
CA LEU A 10 5.21 -7.71 -8.59
C LEU A 10 4.61 -9.05 -8.95
N ARG A 11 3.53 -9.41 -8.24
CA ARG A 11 2.84 -10.66 -8.46
C ARG A 11 1.52 -10.42 -9.15
N ARG A 12 1.31 -11.16 -10.23
CA ARG A 12 0.12 -11.04 -11.05
C ARG A 12 -0.66 -12.34 -10.88
N PHE A 13 -1.62 -12.34 -9.96
CA PHE A 13 -2.34 -13.57 -9.62
C PHE A 13 -3.41 -13.93 -10.64
N GLU A 14 -3.85 -12.93 -11.40
CA GLU A 14 -4.88 -13.13 -12.40
C GLU A 14 -4.57 -12.24 -13.60
N ARG A 15 -4.07 -12.86 -14.67
CA ARG A 15 -3.80 -12.13 -15.89
C ARG A 15 -5.09 -11.60 -16.46
N ALA A 16 -5.05 -10.33 -16.88
CA ALA A 16 -6.19 -9.68 -17.49
C ALA A 16 -5.65 -8.89 -18.70
N PRO A 17 -5.48 -9.56 -19.85
CA PRO A 17 -4.82 -8.96 -21.02
C PRO A 17 -5.59 -7.78 -21.61
N ASP A 18 -6.91 -7.76 -21.42
CA ASP A 18 -7.75 -6.68 -21.96
C ASP A 18 -8.07 -5.60 -20.93
N ALA A 19 -7.31 -5.57 -19.84
CA ALA A 19 -7.52 -4.59 -18.78
C ALA A 19 -7.17 -3.17 -19.23
N ARG A 20 -8.06 -2.24 -18.90
CA ARG A 20 -7.88 -0.82 -19.22
C ARG A 20 -7.04 -0.11 -18.17
N ALA A 21 -6.77 -0.80 -17.07
CA ALA A 21 -5.91 -0.25 -16.02
C ALA A 21 -5.22 -1.37 -15.29
N ARG A 22 -4.03 -1.06 -14.75
CA ARG A 22 -3.37 -1.93 -13.80
C ARG A 22 -3.35 -1.22 -12.46
N LEU A 23 -3.55 -1.99 -11.39
CA LEU A 23 -3.59 -1.44 -10.04
C LEU A 23 -2.47 -2.05 -9.24
N VAL A 24 -1.48 -1.22 -8.94
CA VAL A 24 -0.34 -1.61 -8.11
C VAL A 24 -0.82 -1.58 -6.67
N CYS A 25 -0.70 -2.72 -5.98
CA CYS A 25 -1.22 -2.87 -4.60
C CYS A 25 -0.09 -3.09 -3.60
N LEU A 26 -0.02 -2.17 -2.65
CA LEU A 26 1.10 -2.13 -1.70
C LEU A 26 0.57 -2.40 -0.30
N PRO A 27 1.04 -3.50 0.35
CA PRO A 27 0.62 -3.92 1.68
C PRO A 27 1.17 -3.03 2.79
N HIS A 28 0.64 -3.20 4.00
CA HIS A 28 1.23 -2.59 5.20
C HIS A 28 2.55 -3.30 5.52
N ALA A 29 3.29 -2.79 6.51
CA ALA A 29 4.63 -3.27 6.83
C ALA A 29 4.72 -4.78 7.04
N GLY A 30 3.68 -5.37 7.61
CA GLY A 30 3.70 -6.80 7.90
C GLY A 30 3.29 -7.66 6.72
N GLY A 31 2.67 -7.03 5.72
CA GLY A 31 1.90 -7.74 4.70
C GLY A 31 2.67 -8.24 3.51
N SER A 32 2.12 -9.25 2.85
CA SER A 32 2.75 -9.80 1.68
C SER A 32 1.82 -9.64 0.48
N ALA A 33 2.37 -9.92 -0.69
CA ALA A 33 1.61 -9.84 -1.95
C ALA A 33 0.31 -10.65 -1.90
N SER A 34 0.35 -11.80 -1.21
CA SER A 34 -0.79 -12.72 -1.16
C SER A 34 -2.04 -12.10 -0.52
N PHE A 35 -1.85 -11.08 0.29
CA PHE A 35 -2.96 -10.34 0.91
C PHE A 35 -3.95 -9.87 -0.16
N PHE A 36 -3.41 -9.56 -1.33
CA PHE A 36 -4.22 -8.99 -2.41
C PHE A 36 -4.74 -10.01 -3.43
N PHE A 37 -4.56 -11.31 -3.16
CA PHE A 37 -5.02 -12.33 -4.09
C PHE A 37 -6.53 -12.19 -4.37
N PRO A 38 -7.37 -12.12 -3.31
CA PRO A 38 -8.80 -11.97 -3.62
C PRO A 38 -9.15 -10.72 -4.42
N LEU A 39 -8.45 -9.61 -4.19
CA LEU A 39 -8.68 -8.40 -4.96
C LEU A 39 -8.35 -8.60 -6.45
N ALA A 40 -7.30 -9.37 -6.72
CA ALA A 40 -6.90 -9.66 -8.11
C ALA A 40 -8.02 -10.41 -8.83
N LYS A 41 -8.57 -11.41 -8.16
CA LYS A 41 -9.72 -12.15 -8.69
C LYS A 41 -10.94 -11.26 -8.89
N ALA A 42 -11.24 -10.43 -7.89
CA ALA A 42 -12.36 -9.48 -7.92
C ALA A 42 -12.33 -8.44 -9.04
N LEU A 43 -11.16 -7.84 -9.28
CA LEU A 43 -11.03 -6.71 -10.22
C LEU A 43 -10.86 -7.11 -11.69
N ALA A 44 -10.28 -8.28 -11.93
CA ALA A 44 -10.15 -8.82 -13.29
C ALA A 44 -11.52 -9.22 -13.82
N PRO A 45 -11.75 -9.11 -15.14
CA PRO A 45 -10.80 -8.74 -16.21
C PRO A 45 -10.61 -7.25 -16.53
N ALA A 46 -11.41 -6.36 -15.95
CA ALA A 46 -11.34 -4.93 -16.28
C ALA A 46 -10.08 -4.24 -15.73
N VAL A 47 -9.63 -4.70 -14.57
CA VAL A 47 -8.44 -4.13 -13.93
C VAL A 47 -7.52 -5.27 -13.55
N GLU A 48 -6.23 -5.12 -13.86
CA GLU A 48 -5.26 -6.14 -13.54
C GLU A 48 -4.47 -5.73 -12.30
N VAL A 49 -4.54 -6.55 -11.26
CA VAL A 49 -3.80 -6.28 -10.02
C VAL A 49 -2.35 -6.74 -10.12
N LEU A 50 -1.45 -5.84 -9.72
CA LEU A 50 -0.04 -6.16 -9.52
C LEU A 50 0.27 -6.02 -8.02
N ALA A 51 0.38 -7.16 -7.35
CA ALA A 51 0.53 -7.17 -5.90
C ALA A 51 2.01 -7.11 -5.58
N VAL A 52 2.38 -6.13 -4.78
CA VAL A 52 3.79 -5.88 -4.47
C VAL A 52 4.28 -6.78 -3.33
N GLN A 53 5.43 -7.42 -3.55
CA GLN A 53 6.10 -8.22 -2.55
C GLN A 53 7.39 -7.52 -2.14
N TYR A 54 7.40 -6.88 -0.98
CA TYR A 54 8.58 -6.19 -0.48
C TYR A 54 9.68 -7.18 -0.16
N PRO A 55 10.95 -6.75 -0.29
CA PRO A 55 12.08 -7.57 0.18
C PRO A 55 11.86 -7.98 1.63
N GLY A 56 12.17 -9.23 1.94
CA GLY A 56 12.09 -9.73 3.30
C GLY A 56 10.81 -10.46 3.67
N ARG A 57 9.80 -10.43 2.79
CA ARG A 57 8.50 -11.07 3.02
C ARG A 57 8.42 -12.38 2.24
N GLN A 58 7.59 -13.31 2.73
N GLN A 58 7.67 -13.34 2.79
CA GLN A 58 7.27 -14.56 2.02
CA GLN A 58 7.40 -14.64 2.15
C GLN A 58 8.49 -15.21 1.33
C GLN A 58 8.57 -15.21 1.33
N ASP A 59 8.41 -15.33 0.01
CA ASP A 59 9.51 -15.91 -0.80
C ASP A 59 10.78 -15.04 -0.85
N ARG A 60 10.68 -13.78 -0.42
CA ARG A 60 11.83 -12.87 -0.38
C ARG A 60 12.43 -12.77 1.02
N ARG A 61 12.07 -13.71 1.89
CA ARG A 61 12.44 -13.67 3.31
C ARG A 61 13.94 -13.61 3.56
N HIS A 62 14.74 -14.13 2.62
CA HIS A 62 16.21 -14.11 2.78
C HIS A 62 16.86 -12.80 2.33
N GLU A 63 16.10 -11.96 1.65
CA GLU A 63 16.61 -10.66 1.22
C GLU A 63 16.63 -9.67 2.38
N PRO A 64 17.61 -8.75 2.39
CA PRO A 64 17.58 -7.73 3.45
C PRO A 64 16.41 -6.77 3.23
N PRO A 65 15.88 -6.19 4.33
CA PRO A 65 14.85 -5.17 4.15
C PRO A 65 15.46 -3.92 3.51
N VAL A 66 14.63 -3.09 2.88
CA VAL A 66 15.12 -1.85 2.25
C VAL A 66 15.73 -0.89 3.26
N ASP A 67 16.59 -0.01 2.78
CA ASP A 67 17.27 0.97 3.63
C ASP A 67 16.34 2.09 4.11
N SER A 68 15.29 2.37 3.32
CA SER A 68 14.32 3.42 3.66
C SER A 68 13.13 3.40 2.69
N ILE A 69 12.09 4.16 3.02
CA ILE A 69 10.96 4.38 2.13
C ILE A 69 11.43 4.96 0.79
N GLY A 70 12.40 5.89 0.86
CA GLY A 70 13.00 6.47 -0.34
C GLY A 70 13.59 5.41 -1.25
N GLY A 71 14.38 4.51 -0.67
CA GLY A 71 15.05 3.44 -1.41
C GLY A 71 14.06 2.46 -2.04
N LEU A 72 13.04 2.10 -1.28
CA LEU A 72 11.98 1.19 -1.75
C LEU A 72 11.28 1.80 -2.95
N THR A 73 10.93 3.08 -2.84
CA THR A 73 10.30 3.80 -3.93
C THR A 73 11.18 3.82 -5.17
N ASN A 74 12.47 4.15 -5.00
CA ASN A 74 13.44 4.13 -6.09
C ASN A 74 13.46 2.79 -6.83
N ARG A 75 13.47 1.71 -6.06
CA ARG A 75 13.57 0.37 -6.63
C ARG A 75 12.28 -0.03 -7.31
N LEU A 76 11.15 0.34 -6.71
CA LEU A 76 9.84 0.05 -7.31
C LEU A 76 9.56 0.79 -8.62
N LEU A 77 10.02 2.04 -8.74
CA LEU A 77 9.88 2.80 -9.99
C LEU A 77 10.50 2.07 -11.18
N GLU A 78 11.70 1.52 -10.96
CA GLU A 78 12.41 0.78 -12.00
C GLU A 78 11.67 -0.51 -12.37
N VAL A 79 11.11 -1.16 -11.36
CA VAL A 79 10.34 -2.40 -11.53
C VAL A 79 9.02 -2.19 -12.29
N LEU A 80 8.38 -1.04 -12.09
CA LEU A 80 7.07 -0.78 -12.70
C LEU A 80 7.14 -0.38 -14.18
N ARG A 81 8.32 0.06 -14.62
CA ARG A 81 8.50 0.54 -16.01
C ARG A 81 7.94 -0.36 -17.10
N PRO A 82 8.33 -1.66 -17.11
CA PRO A 82 7.78 -2.56 -18.14
C PRO A 82 6.26 -2.61 -18.12
N PHE A 83 5.67 -2.35 -16.96
CA PHE A 83 4.21 -2.40 -16.81
C PHE A 83 3.49 -1.10 -17.17
N GLY A 84 4.25 -0.09 -17.62
CA GLY A 84 3.71 1.22 -17.95
C GLY A 84 3.01 1.34 -19.31
N ASP A 85 2.86 0.22 -20.02
CA ASP A 85 2.16 0.20 -21.32
C ASP A 85 0.63 0.24 -21.14
N ARG A 86 0.19 0.27 -19.89
CA ARG A 86 -1.17 0.70 -19.61
C ARG A 86 -1.25 1.53 -18.35
N PRO A 87 -2.34 2.29 -18.19
CA PRO A 87 -2.39 3.23 -17.07
C PRO A 87 -2.19 2.53 -15.73
N LEU A 88 -1.51 3.22 -14.82
CA LEU A 88 -1.26 2.66 -13.52
C LEU A 88 -2.05 3.43 -12.47
N ALA A 89 -2.81 2.71 -11.66
CA ALA A 89 -3.36 3.28 -10.43
C ALA A 89 -2.67 2.61 -9.27
N LEU A 90 -2.60 3.30 -8.14
CA LEU A 90 -1.91 2.78 -6.97
C LEU A 90 -2.91 2.58 -5.82
N PHE A 91 -2.86 1.42 -5.17
CA PHE A 91 -3.59 1.22 -3.94
C PHE A 91 -2.60 0.84 -2.85
N GLY A 92 -2.62 1.55 -1.73
CA GLY A 92 -1.72 1.18 -0.63
C GLY A 92 -2.37 1.32 0.71
N HIS A 93 -2.10 0.36 1.61
CA HIS A 93 -2.62 0.40 2.97
C HIS A 93 -1.50 0.64 3.96
N ALA A 94 -1.71 1.62 4.84
CA ALA A 94 -0.77 2.02 5.87
C ALA A 94 0.59 2.34 5.23
N MET A 95 1.66 1.61 5.56
CA MET A 95 2.94 1.79 4.84
C MET A 95 2.76 1.88 3.32
N GLY A 96 1.96 0.97 2.78
CA GLY A 96 1.71 0.96 1.34
C GLY A 96 1.18 2.29 0.82
N ALA A 97 0.34 2.98 1.62
CA ALA A 97 -0.18 4.30 1.21
C ALA A 97 0.93 5.32 1.00
N ILE A 98 1.89 5.34 1.94
N ILE A 98 1.92 5.31 1.90
CA ILE A 98 3.04 6.25 1.83
CA ILE A 98 3.10 6.18 1.77
C ILE A 98 3.82 6.00 0.53
C ILE A 98 3.94 5.83 0.53
N ILE A 99 4.18 4.74 0.30
N ILE A 99 4.14 4.55 0.28
CA ILE A 99 4.93 4.37 -0.90
CA ILE A 99 4.89 4.14 -0.91
C ILE A 99 4.10 4.68 -2.15
C ILE A 99 4.12 4.55 -2.16
N GLY A 100 2.81 4.36 -2.12
CA GLY A 100 1.91 4.72 -3.23
C GLY A 100 2.01 6.20 -3.57
N TYR A 101 1.94 7.02 -2.53
CA TYR A 101 2.07 8.48 -2.67
C TYR A 101 3.42 8.87 -3.27
N GLU A 102 4.51 8.32 -2.73
CA GLU A 102 5.85 8.65 -3.23
C GLU A 102 6.01 8.18 -4.67
N LEU A 103 5.48 7.01 -5.00
CA LEU A 103 5.51 6.53 -6.39
C LEU A 103 4.81 7.52 -7.31
N ALA A 104 3.56 7.83 -6.96
CA ALA A 104 2.75 8.81 -7.70
C ALA A 104 3.47 10.13 -7.95
N LEU A 105 4.13 10.68 -6.92
CA LEU A 105 4.90 11.93 -7.03
C LEU A 105 6.04 11.83 -8.04
N ARG A 106 6.69 10.67 -8.05
CA ARG A 106 7.91 10.48 -8.81
C ARG A 106 7.72 9.94 -10.23
N MET A 107 6.57 9.31 -10.49
CA MET A 107 6.34 8.65 -11.78
C MET A 107 6.61 9.48 -13.06
N PRO A 108 5.98 10.67 -13.19
CA PRO A 108 6.20 11.46 -14.41
C PRO A 108 7.67 11.81 -14.69
N GLU A 109 8.40 12.27 -13.66
CA GLU A 109 9.82 12.57 -13.79
C GLU A 109 10.67 11.31 -14.02
N ALA A 110 10.13 10.17 -13.61
CA ALA A 110 10.82 8.89 -13.81
C ALA A 110 10.59 8.38 -15.23
N GLY A 111 9.66 9.00 -15.95
CA GLY A 111 9.36 8.59 -17.32
C GLY A 111 8.21 7.60 -17.44
N LEU A 112 7.29 7.62 -16.48
CA LEU A 112 6.06 6.86 -16.58
C LEU A 112 4.89 7.82 -16.78
N PRO A 113 3.84 7.40 -17.52
CA PRO A 113 2.69 8.31 -17.55
C PRO A 113 2.22 8.56 -16.13
N ALA A 114 1.69 9.74 -15.87
CA ALA A 114 1.17 10.06 -14.55
C ALA A 114 0.15 8.99 -14.14
N PRO A 115 0.10 8.63 -12.84
CA PRO A 115 -0.89 7.64 -12.39
C PRO A 115 -2.31 8.16 -12.61
N VAL A 116 -3.23 7.25 -12.83
CA VAL A 116 -4.63 7.62 -13.06
C VAL A 116 -5.44 7.81 -11.78
N HIS A 117 -4.93 7.25 -10.69
CA HIS A 117 -5.59 7.35 -9.39
C HIS A 117 -4.67 6.89 -8.29
N LEU A 118 -4.83 7.53 -7.13
CA LEU A 118 -4.17 7.09 -5.92
C LEU A 118 -5.21 6.74 -4.86
N PHE A 119 -5.24 5.46 -4.46
CA PHE A 119 -6.09 5.02 -3.35
C PHE A 119 -5.23 4.88 -2.09
N ALA A 120 -5.42 5.79 -1.15
CA ALA A 120 -4.68 5.78 0.11
C ALA A 120 -5.56 5.21 1.22
N SER A 121 -5.18 4.05 1.75
CA SER A 121 -5.99 3.36 2.75
C SER A 121 -5.24 3.33 4.08
N GLY A 122 -5.97 3.53 5.17
CA GLY A 122 -5.41 3.35 6.53
C GLY A 122 -4.14 4.12 6.85
N ARG A 123 -4.06 5.36 6.38
CA ARG A 123 -2.88 6.20 6.61
C ARG A 123 -3.21 7.69 6.67
N ARG A 124 -2.67 8.39 7.67
CA ARG A 124 -2.82 9.84 7.76
C ARG A 124 -2.05 10.46 6.60
N ALA A 125 -2.44 11.67 6.21
CA ALA A 125 -1.79 12.37 5.10
C ALA A 125 -0.28 12.44 5.31
N PRO A 126 0.50 12.46 4.22
CA PRO A 126 1.96 12.50 4.30
C PRO A 126 2.52 13.65 5.15
N SER A 127 1.79 14.76 5.20
CA SER A 127 2.19 15.94 5.98
C SER A 127 1.80 15.89 7.46
N ARG A 128 1.07 14.85 7.85
CA ARG A 128 0.53 14.74 9.19
C ARG A 128 1.39 13.87 10.06
N TYR A 129 1.78 14.40 11.22
CA TYR A 129 2.58 13.65 12.17
C TYR A 129 1.96 13.66 13.55
N ARG A 130 2.49 12.83 14.43
CA ARG A 130 2.05 12.80 15.83
C ARG A 130 3.25 12.79 16.76
N ASP A 131 3.16 13.58 17.84
CA ASP A 131 4.20 13.56 18.86
C ASP A 131 3.83 12.52 19.91
N ASP A 132 4.17 11.26 19.62
CA ASP A 132 3.70 10.13 20.40
C ASP A 132 4.79 9.09 20.71
N ASP A 133 6.03 9.42 20.34
CA ASP A 133 7.21 8.55 20.53
C ASP A 133 7.16 7.21 19.78
N VAL A 134 6.28 7.11 18.80
CA VAL A 134 6.19 5.92 17.96
C VAL A 134 7.26 6.01 16.86
N ARG A 135 8.29 5.19 17.00
CA ARG A 135 9.40 5.17 16.04
C ARG A 135 9.52 3.79 15.37
N GLY A 136 8.60 2.90 15.73
CA GLY A 136 8.51 1.56 15.16
C GLY A 136 7.28 0.86 15.72
N ALA A 137 7.20 -0.45 15.48
CA ALA A 137 6.10 -1.24 16.01
C ALA A 137 6.54 -2.07 17.20
N SER A 138 5.68 -2.12 18.22
CA SER A 138 5.89 -3.04 19.34
C SER A 138 5.67 -4.45 18.81
N ASP A 139 6.19 -5.46 19.51
CA ASP A 139 5.92 -6.84 19.10
C ASP A 139 4.41 -7.15 19.11
N GLU A 140 3.70 -6.56 20.07
CA GLU A 140 2.26 -6.85 20.20
C GLU A 140 1.47 -6.23 19.04
N ARG A 141 1.91 -5.06 18.58
CA ARG A 141 1.27 -4.45 17.40
C ARG A 141 1.56 -5.27 16.15
N LEU A 142 2.83 -5.58 15.94
CA LEU A 142 3.26 -6.43 14.81
C LEU A 142 2.45 -7.72 14.69
N VAL A 143 2.33 -8.45 15.78
CA VAL A 143 1.59 -9.72 15.79
C VAL A 143 0.09 -9.49 15.57
N ALA A 144 -0.47 -8.48 16.25
CA ALA A 144 -1.88 -8.16 16.10
C ALA A 144 -2.25 -7.92 14.63
N GLU A 145 -1.41 -7.15 13.94
CA GLU A 145 -1.66 -6.78 12.54
C GLU A 145 -1.50 -7.95 11.55
N LEU A 146 -0.60 -8.89 11.87
CA LEU A 146 -0.49 -10.12 11.07
C LEU A 146 -1.73 -10.96 11.21
N ARG A 147 -2.15 -11.21 12.45
CA ARG A 147 -3.38 -11.95 12.75
C ARG A 147 -4.57 -11.38 11.97
N LYS A 148 -4.68 -10.05 11.97
CA LYS A 148 -5.75 -9.34 11.25
C LYS A 148 -5.84 -9.63 9.75
N LEU A 149 -4.69 -9.81 9.11
CA LEU A 149 -4.65 -10.10 7.68
C LEU A 149 -5.18 -11.48 7.33
N GLY A 150 -5.13 -12.40 8.29
CA GLY A 150 -5.45 -13.80 8.03
C GLY A 150 -4.48 -14.37 7.01
N GLY A 151 -4.90 -15.45 6.34
CA GLY A 151 -4.14 -16.03 5.25
C GLY A 151 -2.72 -16.46 5.61
N SER A 152 -1.86 -16.46 4.59
CA SER A 152 -0.47 -16.89 4.73
C SER A 152 0.29 -16.06 5.76
N ASP A 153 -0.02 -14.77 5.83
CA ASP A 153 0.68 -13.87 6.76
C ASP A 153 0.43 -14.22 8.22
N ALA A 154 -0.84 -14.35 8.62
CA ALA A 154 -1.19 -14.79 9.98
C ALA A 154 -0.67 -16.19 10.29
N ALA A 155 -0.62 -17.05 9.26
CA ALA A 155 -0.13 -18.43 9.41
C ALA A 155 1.31 -18.51 9.91
N MET A 156 2.12 -17.50 9.58
CA MET A 156 3.51 -17.43 10.05
C MET A 156 3.64 -17.52 11.56
N LEU A 157 2.61 -17.03 12.26
CA LEU A 157 2.66 -16.90 13.72
C LEU A 157 2.73 -18.25 14.44
N ALA A 158 2.23 -19.30 13.77
CA ALA A 158 2.35 -20.67 14.30
C ALA A 158 3.60 -21.34 13.75
N ASP A 159 4.42 -20.56 13.04
CA ASP A 159 5.63 -21.04 12.40
C ASP A 159 6.81 -20.15 12.83
N PRO A 160 7.35 -20.38 14.05
CA PRO A 160 8.42 -19.55 14.62
C PRO A 160 9.73 -19.55 13.81
N GLU A 161 9.97 -20.64 13.07
CA GLU A 161 11.14 -20.74 12.19
C GLU A 161 11.06 -19.71 11.06
N LEU A 162 9.92 -19.69 10.37
CA LEU A 162 9.66 -18.72 9.31
C LEU A 162 9.47 -17.32 9.85
N LEU A 163 8.80 -17.20 11.00
CA LEU A 163 8.59 -15.90 11.62
C LEU A 163 9.95 -15.23 11.91
N ALA A 164 10.88 -16.00 12.44
CA ALA A 164 12.27 -15.53 12.69
C ALA A 164 12.92 -14.99 11.41
N MET A 165 12.61 -15.62 10.28
CA MET A 165 13.16 -15.22 8.99
C MET A 165 12.62 -13.89 8.47
N VAL A 166 11.38 -13.55 8.82
N VAL A 166 11.40 -13.56 8.84
CA VAL A 166 10.73 -12.36 8.28
CA VAL A 166 10.69 -12.39 8.29
C VAL A 166 10.63 -11.20 9.29
C VAL A 166 10.66 -11.22 9.28
N LEU A 167 10.67 -11.52 10.58
CA LEU A 167 10.62 -10.49 11.64
C LEU A 167 11.60 -9.33 11.47
N PRO A 168 12.90 -9.62 11.21
CA PRO A 168 13.84 -8.50 11.05
C PRO A 168 13.42 -7.48 9.98
N ALA A 169 12.90 -7.97 8.86
CA ALA A 169 12.51 -7.09 7.77
C ALA A 169 11.25 -6.30 8.12
N ILE A 170 10.25 -6.98 8.67
CA ILE A 170 9.00 -6.33 9.06
C ILE A 170 9.27 -5.23 10.08
N ARG A 171 10.07 -5.54 11.11
CA ARG A 171 10.52 -4.55 12.09
C ARG A 171 11.22 -3.36 11.42
N SER A 172 12.12 -3.64 10.49
CA SER A 172 12.85 -2.58 9.81
C SER A 172 11.91 -1.66 9.04
N ASP A 173 10.93 -2.25 8.37
CA ASP A 173 9.99 -1.46 7.59
C ASP A 173 9.04 -0.62 8.45
N TYR A 174 8.64 -1.13 9.61
CA TYR A 174 7.89 -0.31 10.57
C TYR A 174 8.72 0.89 11.03
N ARG A 175 10.02 0.69 11.22
CA ARG A 175 10.91 1.77 11.61
C ARG A 175 11.04 2.78 10.46
N ALA A 176 11.09 2.27 9.22
CA ALA A 176 11.13 3.10 8.02
C ALA A 176 9.89 3.98 7.93
N VAL A 177 8.74 3.40 8.27
CA VAL A 177 7.45 4.11 8.24
C VAL A 177 7.45 5.27 9.23
N GLU A 178 8.07 5.08 10.39
CA GLU A 178 8.14 6.16 11.38
C GLU A 178 9.31 7.12 11.17
N THR A 179 10.37 6.65 10.52
CA THR A 179 11.49 7.50 10.13
C THR A 179 11.08 8.38 8.92
N TYR A 180 9.95 8.04 8.31
CA TYR A 180 9.52 8.69 7.07
C TYR A 180 9.26 10.17 7.25
N ARG A 181 9.79 10.97 6.33
CA ARG A 181 9.50 12.39 6.27
C ARG A 181 9.12 12.77 4.85
N HIS A 182 7.92 13.35 4.71
CA HIS A 182 7.43 13.82 3.42
C HIS A 182 8.20 15.04 2.94
N GLU A 183 8.15 15.29 1.64
CA GLU A 183 8.72 16.51 1.09
C GLU A 183 7.62 17.57 1.13
N PRO A 184 7.76 18.60 2.00
CA PRO A 184 6.72 19.61 2.14
C PRO A 184 6.40 20.33 0.83
N GLY A 185 5.13 20.65 0.61
CA GLY A 185 4.73 21.41 -0.57
C GLY A 185 4.67 20.67 -1.91
N ARG A 186 4.69 19.35 -1.86
CA ARG A 186 4.53 18.53 -3.06
C ARG A 186 3.10 18.06 -3.15
N ARG A 187 2.58 17.97 -4.38
CA ARG A 187 1.26 17.39 -4.66
C ARG A 187 1.33 16.52 -5.90
N VAL A 188 0.64 15.38 -5.85
CA VAL A 188 0.37 14.59 -7.05
C VAL A 188 -0.71 15.33 -7.85
N ASP A 189 -0.88 14.99 -9.12
CA ASP A 189 -1.90 15.64 -9.94
C ASP A 189 -3.10 14.73 -10.20
N CYS A 190 -2.97 13.46 -9.82
CA CYS A 190 -4.05 12.51 -10.00
C CYS A 190 -5.12 12.64 -8.90
N PRO A 191 -6.34 12.14 -9.17
CA PRO A 191 -7.34 12.03 -8.11
C PRO A 191 -6.81 11.17 -6.97
N VAL A 192 -7.13 11.56 -5.73
CA VAL A 192 -6.84 10.76 -4.54
C VAL A 192 -8.18 10.35 -3.89
N THR A 193 -8.35 9.06 -3.65
CA THR A 193 -9.49 8.56 -2.90
C THR A 193 -8.95 7.91 -1.64
N VAL A 194 -9.47 8.34 -0.50
CA VAL A 194 -8.91 7.96 0.79
C VAL A 194 -9.88 7.01 1.47
N PHE A 195 -9.36 5.88 1.94
CA PHE A 195 -10.16 4.94 2.71
C PHE A 195 -9.63 4.91 4.13
N THR A 196 -10.53 5.04 5.10
CA THR A 196 -10.11 5.02 6.50
C THR A 196 -11.19 4.35 7.37
N GLY A 197 -10.75 3.67 8.42
CA GLY A 197 -11.66 3.04 9.37
C GLY A 197 -12.19 4.06 10.36
N ASP A 198 -13.49 3.99 10.66
CA ASP A 198 -14.11 4.96 11.56
C ASP A 198 -13.54 4.95 12.97
N HIS A 199 -13.03 3.82 13.43
N HIS A 199 -13.04 3.79 13.37
CA HIS A 199 -12.43 3.82 14.77
CA HIS A 199 -12.44 3.63 14.71
C HIS A 199 -10.96 3.41 14.83
C HIS A 199 -11.01 3.09 14.64
N ASP A 200 -10.24 3.70 13.74
CA ASP A 200 -8.80 3.48 13.66
C ASP A 200 -8.10 4.58 14.47
N PRO A 201 -7.46 4.22 15.59
CA PRO A 201 -6.80 5.23 16.43
C PRO A 201 -5.63 5.89 15.71
N ARG A 202 -5.04 5.19 14.75
CA ARG A 202 -3.85 5.64 14.03
C ARG A 202 -4.17 6.65 12.92
N VAL A 203 -5.45 6.77 12.55
CA VAL A 203 -5.87 7.74 11.54
C VAL A 203 -7.18 8.41 11.93
N SER A 204 -7.10 9.72 12.19
CA SER A 204 -8.29 10.53 12.49
C SER A 204 -8.91 10.97 11.18
N VAL A 205 -10.17 11.40 11.20
CA VAL A 205 -10.83 11.86 9.99
C VAL A 205 -10.17 13.12 9.41
N GLY A 206 -9.72 14.02 10.29
CA GLY A 206 -8.98 15.20 9.86
C GLY A 206 -7.70 14.83 9.14
N GLU A 207 -6.97 13.88 9.70
CA GLU A 207 -5.74 13.35 9.08
C GLU A 207 -6.00 12.68 7.73
N ALA A 208 -7.16 12.03 7.60
CA ALA A 208 -7.53 11.36 6.36
C ALA A 208 -7.93 12.37 5.30
N ARG A 209 -8.71 13.38 5.70
CA ARG A 209 -9.17 14.41 4.78
C ARG A 209 -7.99 15.24 4.29
N ALA A 210 -6.94 15.31 5.12
CA ALA A 210 -5.74 16.09 4.80
C ALA A 210 -4.96 15.61 3.56
N TRP A 211 -5.30 14.42 3.05
CA TRP A 211 -4.77 13.98 1.75
C TRP A 211 -5.14 14.96 0.63
N GLU A 212 -6.23 15.71 0.79
CA GLU A 212 -6.64 16.70 -0.21
C GLU A 212 -5.54 17.77 -0.40
N GLU A 213 -4.69 17.93 0.61
CA GLU A 213 -3.59 18.87 0.54
C GLU A 213 -2.39 18.33 -0.22
N HIS A 214 -2.50 17.10 -0.72
CA HIS A 214 -1.40 16.41 -1.40
C HIS A 214 -1.74 16.07 -2.85
N THR A 215 -2.82 16.65 -3.35
CA THR A 215 -3.17 16.53 -4.77
C THR A 215 -3.73 17.86 -5.30
N THR A 216 -3.53 18.10 -6.59
CA THR A 216 -4.17 19.23 -7.26
C THR A 216 -5.49 18.81 -7.84
N GLY A 217 -5.75 17.50 -7.82
CA GLY A 217 -6.94 16.91 -8.43
C GLY A 217 -8.06 16.73 -7.42
N PRO A 218 -9.11 15.98 -7.80
CA PRO A 218 -10.18 15.74 -6.82
C PRO A 218 -9.74 14.82 -5.69
N ALA A 219 -10.21 15.11 -4.48
CA ALA A 219 -9.93 14.25 -3.32
C ALA A 219 -11.25 13.76 -2.73
N ASP A 220 -11.38 12.45 -2.60
CA ASP A 220 -12.62 11.82 -2.15
C ASP A 220 -12.38 10.96 -0.89
N LEU A 221 -12.85 11.43 0.26
CA LEU A 221 -12.66 10.70 1.51
C LEU A 221 -13.82 9.76 1.80
N ARG A 222 -13.49 8.49 2.02
CA ARG A 222 -14.45 7.46 2.40
C ARG A 222 -14.10 6.88 3.76
N VAL A 223 -14.94 7.13 4.75
CA VAL A 223 -14.74 6.57 6.08
C VAL A 223 -15.63 5.33 6.19
N LEU A 224 -15.02 4.18 6.52
CA LEU A 224 -15.79 2.93 6.61
C LEU A 224 -15.73 2.34 8.00
N PRO A 225 -16.76 1.58 8.39
CA PRO A 225 -16.76 0.94 9.71
C PRO A 225 -15.57 -0.01 9.90
N GLY A 226 -14.86 0.17 11.00
CA GLY A 226 -13.78 -0.73 11.38
C GLY A 226 -12.56 -0.04 11.95
N GLY A 227 -11.56 -0.83 12.28
CA GLY A 227 -10.31 -0.32 12.86
C GLY A 227 -9.24 -0.11 11.81
N HIS A 228 -7.98 -0.27 12.22
CA HIS A 228 -6.84 -0.10 11.33
C HIS A 228 -6.84 -1.07 10.14
N PHE A 229 -7.55 -2.20 10.29
CA PHE A 229 -7.70 -3.14 9.19
C PHE A 229 -9.15 -3.32 8.72
N PHE A 230 -9.88 -2.21 8.71
CA PHE A 230 -11.26 -2.16 8.22
C PHE A 230 -11.39 -2.77 6.82
N LEU A 231 -10.33 -2.70 6.01
CA LEU A 231 -10.39 -3.06 4.58
C LEU A 231 -10.72 -4.53 4.31
N VAL A 232 -10.42 -5.37 5.30
CA VAL A 232 -10.72 -6.80 5.25
C VAL A 232 -12.25 -7.01 5.27
N ASP A 233 -12.92 -6.45 6.28
CA ASP A 233 -14.38 -6.59 6.42
C ASP A 233 -15.16 -5.76 5.38
N GLN A 234 -14.55 -4.66 4.95
CA GLN A 234 -15.22 -3.70 4.08
C GLN A 234 -14.77 -3.77 2.62
N ALA A 235 -14.26 -4.93 2.21
CA ALA A 235 -13.73 -5.11 0.86
C ALA A 235 -14.77 -4.79 -0.21
N ALA A 236 -16.01 -5.23 -0.03
CA ALA A 236 -17.07 -5.01 -1.04
C ALA A 236 -17.36 -3.54 -1.39
N PRO A 237 -17.70 -2.68 -0.40
CA PRO A 237 -17.92 -1.27 -0.75
C PRO A 237 -16.67 -0.59 -1.34
N MET A 238 -15.49 -0.98 -0.87
CA MET A 238 -14.23 -0.47 -1.40
C MET A 238 -14.04 -0.86 -2.86
N ILE A 239 -14.26 -2.15 -3.16
CA ILE A 239 -14.13 -2.67 -4.52
C ILE A 239 -15.15 -2.02 -5.45
N ALA A 240 -16.37 -1.81 -4.95
CA ALA A 240 -17.37 -1.07 -5.72
C ALA A 240 -16.85 0.33 -6.07
N THR A 241 -16.30 1.03 -5.06
CA THR A 241 -15.74 2.37 -5.24
C THR A 241 -14.56 2.35 -6.22
N MET A 242 -13.63 1.43 -6.01
CA MET A 242 -12.46 1.35 -6.89
C MET A 242 -12.82 1.00 -8.34
N THR A 243 -13.76 0.08 -8.54
CA THR A 243 -14.10 -0.34 -9.90
C THR A 243 -14.72 0.82 -10.68
N GLU A 244 -15.60 1.57 -10.03
CA GLU A 244 -16.20 2.78 -10.60
C GLU A 244 -15.18 3.87 -10.94
N LYS A 245 -14.31 4.20 -9.98
CA LYS A 245 -13.28 5.23 -10.20
C LYS A 245 -12.39 4.88 -11.38
N LEU A 246 -12.09 3.59 -11.52
CA LEU A 246 -11.19 3.10 -12.57
C LEU A 246 -11.90 2.75 -13.88
N ALA A 247 -13.23 2.90 -13.88
CA ALA A 247 -14.03 2.63 -15.08
C ALA A 247 -14.31 3.90 -15.89
N GLY A 248 -13.75 5.02 -15.45
CA GLY A 248 -13.93 6.31 -16.10
C GLY A 248 -12.71 7.20 -15.92
N PRO A 249 -12.75 8.43 -16.47
CA PRO A 249 -11.67 9.41 -16.31
C PRO A 249 -11.51 9.85 -14.86
#